data_4FGN
#
_entry.id   4FGN
#
_cell.length_a   58.604
_cell.length_b   139.672
_cell.length_c   132.112
_cell.angle_alpha   90.00
_cell.angle_beta   90.00
_cell.angle_gamma   90.00
#
_symmetry.space_group_name_H-M   'C 2 2 21'
#
loop_
_entity.id
_entity.type
_entity.pdbx_description
1 polymer 'Large T antigen'
2 polymer 'Site I DNA'
3 polymer 'Site I DNA'
4 water water
#
loop_
_entity_poly.entity_id
_entity_poly.type
_entity_poly.pdbx_seq_one_letter_code
_entity_poly.pdbx_strand_id
1 'polypeptide(L)'
;GSKVEDPKDFPSELLSFLSHAVFSNRTLACFAIYTTKEKAALLYKKIMEKYSVTFISRHNSYNHNILFFLTPHRHRVSAI
NNYAQKLCTFSFLICKGVNKEYLMYSALTRDPFSVIEESLPGGLKEHDFNPE
;
A,B
2 'polydeoxyribonucleotide'
;(DA)(DG)(DG)(DC)(DC)(DT)(DC)(DC)(DA)(DA)(DA)(DA)(DA)(DA)(DG)(DC)(DC)(DT)(DC)(DC)
(DT)(DC)(DA)
;
Z
3 'polydeoxyribonucleotide'
;(DG)(DA)(DG)(DG)(DA)(DG)(DG)(DC)(DT)(DT)(DT)(DT)(DT)(DT)(DG)(DG)(DA)(DG)(DG)(DC)
(DC)(DT)(DT)
;
Y
#
# COMPACT_ATOMS: atom_id res chain seq x y z
N GLU A 5 -26.61 -26.11 -8.39
CA GLU A 5 -25.19 -26.55 -8.28
C GLU A 5 -24.26 -25.41 -8.69
N ASP A 6 -24.83 -24.48 -9.46
CA ASP A 6 -24.12 -23.26 -9.78
C ASP A 6 -24.12 -22.32 -8.60
N PRO A 7 -22.98 -21.67 -8.35
CA PRO A 7 -22.87 -20.65 -7.33
C PRO A 7 -24.11 -19.75 -7.24
N LYS A 8 -24.59 -19.55 -6.01
CA LYS A 8 -25.63 -18.56 -5.70
C LYS A 8 -25.00 -17.18 -5.40
N ASP A 9 -23.72 -17.19 -5.00
CA ASP A 9 -22.95 -16.00 -4.62
C ASP A 9 -21.44 -16.23 -4.80
N PHE A 10 -20.61 -15.23 -4.43
CA PHE A 10 -19.15 -15.36 -4.39
C PHE A 10 -18.69 -16.36 -3.32
N PRO A 11 -17.47 -16.87 -3.46
CA PRO A 11 -16.99 -17.86 -2.53
C PRO A 11 -16.88 -17.33 -1.14
N SER A 12 -17.46 -18.09 -0.22
CA SER A 12 -17.30 -17.99 1.23
C SER A 12 -16.33 -16.91 1.73
N GLU A 13 -15.05 -17.09 1.43
CA GLU A 13 -13.97 -16.25 1.97
C GLU A 13 -13.97 -14.82 1.46
N LEU A 14 -14.19 -14.66 0.16
CA LEU A 14 -14.15 -13.35 -0.49
C LEU A 14 -15.24 -12.40 -0.05
N LEU A 15 -16.32 -12.95 0.49
CA LEU A 15 -17.54 -12.23 0.69
C LEU A 15 -17.39 -10.93 1.44
N SER A 16 -16.43 -10.84 2.34
CA SER A 16 -16.39 -9.66 3.19
C SER A 16 -15.61 -8.50 2.58
N PHE A 17 -14.93 -8.75 1.49
CA PHE A 17 -14.25 -7.66 0.83
C PHE A 17 -15.24 -6.90 -0.01
N LEU A 18 -16.45 -7.41 -0.08
CA LEU A 18 -17.40 -6.97 -1.08
C LEU A 18 -18.45 -6.06 -0.52
N SER A 19 -19.12 -5.29 -1.38
CA SER A 19 -20.24 -4.47 -0.98
C SER A 19 -21.56 -5.22 -1.01
N HIS A 20 -22.47 -4.83 -0.09
CA HIS A 20 -23.74 -5.50 0.22
C HIS A 20 -24.83 -4.54 0.05
N ALA A 21 -24.42 -3.35 -0.35
CA ALA A 21 -25.33 -2.22 -0.48
C ALA A 21 -26.51 -2.63 -1.34
N VAL A 22 -27.62 -2.82 -0.65
CA VAL A 22 -28.83 -3.19 -1.32
C VAL A 22 -29.67 -1.91 -1.61
N PHE A 23 -29.73 -0.99 -0.63
CA PHE A 23 -30.57 0.20 -0.69
C PHE A 23 -29.83 1.53 -0.95
N SER A 24 -28.94 1.55 -1.94
CA SER A 24 -27.94 2.61 -2.02
C SER A 24 -27.55 3.02 -3.44
N ASN A 25 -27.40 4.32 -3.67
CA ASN A 25 -27.03 4.79 -4.99
C ASN A 25 -25.58 5.25 -5.07
N ARG A 26 -24.77 4.92 -4.07
CA ARG A 26 -23.35 5.27 -4.14
C ARG A 26 -22.78 4.62 -5.39
N THR A 27 -21.93 5.33 -6.13
CA THR A 27 -21.28 4.64 -7.25
C THR A 27 -19.84 4.34 -6.85
N LEU A 28 -19.20 3.40 -7.53
CA LEU A 28 -17.78 3.13 -7.26
C LEU A 28 -16.99 2.78 -8.51
N ALA A 29 -15.70 2.48 -8.31
CA ALA A 29 -14.74 2.27 -9.40
C ALA A 29 -13.90 1.02 -9.23
N CYS A 30 -14.44 0.01 -8.56
CA CYS A 30 -13.79 -1.31 -8.44
C CYS A 30 -14.86 -2.38 -8.32
N PHE A 31 -14.71 -3.48 -9.07
CA PHE A 31 -15.82 -4.39 -9.18
C PHE A 31 -15.34 -5.81 -9.27
N ALA A 32 -16.23 -6.77 -9.00
CA ALA A 32 -15.92 -8.20 -9.28
C ALA A 32 -17.02 -9.01 -9.91
N ILE A 33 -16.64 -9.93 -10.79
CA ILE A 33 -17.59 -10.82 -11.39
C ILE A 33 -17.24 -12.28 -11.17
N TYR A 34 -18.23 -13.10 -10.85
CA TYR A 34 -18.08 -14.56 -10.77
C TYR A 34 -18.91 -15.12 -11.91
N THR A 35 -18.30 -15.97 -12.71
CA THR A 35 -18.98 -16.50 -13.87
C THR A 35 -18.25 -17.72 -14.45
N THR A 36 -18.63 -18.13 -15.65
CA THR A 36 -18.02 -19.28 -16.32
C THR A 36 -16.70 -18.96 -16.98
N LYS A 37 -15.88 -20.00 -17.15
CA LYS A 37 -14.55 -19.87 -17.75
C LYS A 37 -14.62 -18.98 -18.96
N GLU A 38 -15.64 -19.23 -19.77
CA GLU A 38 -15.75 -18.60 -21.06
C GLU A 38 -16.27 -17.18 -20.96
N LYS A 39 -17.19 -16.96 -20.03
CA LYS A 39 -17.75 -15.63 -19.93
C LYS A 39 -16.62 -14.70 -19.50
N ALA A 40 -15.95 -15.10 -18.43
CA ALA A 40 -14.83 -14.33 -17.93
C ALA A 40 -13.94 -13.96 -19.11
N ALA A 41 -13.62 -14.97 -19.91
CA ALA A 41 -12.64 -14.82 -20.96
C ALA A 41 -13.07 -13.71 -21.89
N LEU A 42 -14.38 -13.58 -22.00
CA LEU A 42 -14.95 -12.75 -23.01
C LEU A 42 -14.95 -11.37 -22.49
N LEU A 43 -15.66 -11.27 -21.38
CA LEU A 43 -15.70 -10.09 -20.57
C LEU A 43 -14.35 -9.44 -20.37
N TYR A 44 -13.32 -10.27 -20.21
CA TYR A 44 -12.02 -9.72 -19.97
C TYR A 44 -11.82 -8.58 -20.97
N LYS A 45 -12.04 -8.92 -22.23
CA LYS A 45 -11.72 -7.99 -23.27
C LYS A 45 -12.83 -6.95 -23.38
N LYS A 46 -14.08 -7.42 -23.32
CA LYS A 46 -15.23 -6.54 -23.47
C LYS A 46 -15.23 -5.38 -22.47
N ILE A 47 -15.05 -5.71 -21.21
CA ILE A 47 -15.08 -4.69 -20.19
C ILE A 47 -13.95 -3.71 -20.30
N MET A 48 -12.77 -4.27 -20.58
CA MET A 48 -11.58 -3.47 -20.73
C MET A 48 -11.92 -2.26 -21.61
N GLU A 49 -12.49 -2.54 -22.79
CA GLU A 49 -12.86 -1.51 -23.74
C GLU A 49 -14.09 -0.72 -23.32
N LYS A 50 -15.08 -1.38 -22.70
CA LYS A 50 -16.35 -0.70 -22.43
C LYS A 50 -16.23 0.36 -21.37
N TYR A 51 -15.30 0.16 -20.47
CA TYR A 51 -15.24 1.03 -19.32
C TYR A 51 -13.89 1.69 -19.17
N SER A 52 -13.12 1.68 -20.26
CA SER A 52 -11.72 2.14 -20.28
C SER A 52 -10.96 1.71 -19.03
N VAL A 53 -11.08 0.44 -18.63
CA VAL A 53 -10.63 0.01 -17.29
C VAL A 53 -9.20 0.37 -17.04
N THR A 54 -8.91 0.74 -15.81
CA THR A 54 -7.55 1.10 -15.43
C THR A 54 -6.75 -0.12 -15.01
N PHE A 55 -7.45 -1.22 -14.77
CA PHE A 55 -6.77 -2.48 -14.57
C PHE A 55 -7.83 -3.54 -14.52
N ILE A 56 -7.42 -4.76 -14.87
CA ILE A 56 -8.28 -5.93 -14.85
C ILE A 56 -7.47 -7.22 -14.90
N SER A 57 -8.01 -8.25 -14.27
CA SER A 57 -7.36 -9.53 -14.22
C SER A 57 -8.40 -10.59 -13.96
N ARG A 58 -8.16 -11.77 -14.52
CA ARG A 58 -9.04 -12.97 -14.42
C ARG A 58 -8.46 -14.13 -13.59
N HIS A 59 -9.27 -14.78 -12.73
CA HIS A 59 -8.72 -15.80 -11.81
C HIS A 59 -9.46 -17.10 -11.65
N ASN A 60 -8.71 -18.18 -11.39
CA ASN A 60 -9.29 -19.50 -11.02
C ASN A 60 -10.01 -19.46 -9.68
N SER A 61 -11.21 -20.06 -9.62
CA SER A 61 -12.03 -20.14 -8.41
C SER A 61 -13.06 -21.25 -8.48
N TYR A 62 -12.76 -22.41 -7.89
CA TYR A 62 -13.66 -23.58 -7.92
C TYR A 62 -14.09 -24.00 -9.33
N ASN A 63 -13.09 -24.22 -10.17
CA ASN A 63 -13.31 -24.47 -11.59
C ASN A 63 -14.23 -23.43 -12.19
N HIS A 64 -14.06 -22.20 -11.72
CA HIS A 64 -14.77 -21.03 -12.24
C HIS A 64 -13.89 -19.83 -12.25
N ASN A 65 -14.18 -18.88 -13.12
CA ASN A 65 -13.38 -17.69 -13.18
C ASN A 65 -14.02 -16.47 -12.48
N ILE A 66 -13.20 -15.69 -11.78
CA ILE A 66 -13.57 -14.39 -11.22
C ILE A 66 -12.86 -13.25 -11.96
N LEU A 67 -13.61 -12.23 -12.32
CA LEU A 67 -13.05 -11.03 -12.89
C LEU A 67 -12.97 -9.92 -11.85
N PHE A 68 -11.85 -9.18 -11.90
CA PHE A 68 -11.64 -8.12 -10.94
C PHE A 68 -11.01 -6.93 -11.63
N PHE A 69 -11.60 -5.76 -11.41
CA PHE A 69 -11.20 -4.58 -12.17
C PHE A 69 -11.44 -3.19 -11.54
N LEU A 70 -10.65 -2.21 -12.01
CA LEU A 70 -10.74 -0.82 -11.58
C LEU A 70 -11.09 0.08 -12.72
N THR A 71 -11.91 1.08 -12.46
CA THR A 71 -12.38 1.96 -13.52
C THR A 71 -12.03 3.44 -13.38
N PRO A 72 -11.64 4.08 -14.50
CA PRO A 72 -11.18 5.45 -14.48
C PRO A 72 -12.29 6.35 -13.96
N HIS A 73 -13.52 5.92 -14.09
CA HIS A 73 -14.65 6.72 -13.69
C HIS A 73 -15.54 5.77 -12.94
N ARG A 74 -16.42 6.32 -12.09
CA ARG A 74 -17.29 5.51 -11.22
C ARG A 74 -18.52 4.87 -11.92
N HIS A 75 -19.17 3.90 -11.29
CA HIS A 75 -20.37 3.32 -11.87
C HIS A 75 -21.16 2.70 -10.79
N ARG A 76 -22.47 2.64 -11.03
CA ARG A 76 -23.36 1.88 -10.17
C ARG A 76 -23.02 0.43 -10.43
N VAL A 77 -23.14 -0.41 -9.39
CA VAL A 77 -22.94 -1.83 -9.57
C VAL A 77 -23.99 -2.31 -10.55
N SER A 78 -25.23 -1.88 -10.30
CA SER A 78 -26.34 -2.11 -11.21
C SER A 78 -25.91 -2.01 -12.68
N ALA A 79 -25.22 -0.92 -13.00
CA ALA A 79 -24.84 -0.64 -14.36
C ALA A 79 -23.83 -1.69 -14.94
N ILE A 80 -22.85 -2.07 -14.15
CA ILE A 80 -21.86 -3.01 -14.62
C ILE A 80 -22.53 -4.35 -14.76
N ASN A 81 -23.34 -4.67 -13.77
CA ASN A 81 -24.10 -5.89 -13.86
C ASN A 81 -24.98 -5.90 -15.07
N ASN A 82 -25.59 -4.77 -15.39
CA ASN A 82 -26.42 -4.74 -16.57
C ASN A 82 -25.65 -4.99 -17.84
N TYR A 83 -24.51 -4.33 -17.98
CA TYR A 83 -23.67 -4.62 -19.12
C TYR A 83 -23.27 -6.10 -19.17
N ALA A 84 -22.98 -6.70 -18.03
CA ALA A 84 -22.41 -8.03 -18.04
C ALA A 84 -23.45 -9.03 -18.44
N GLN A 85 -24.63 -8.87 -17.84
CA GLN A 85 -25.70 -9.85 -17.94
C GLN A 85 -26.23 -10.05 -19.34
N LYS A 86 -26.01 -9.07 -20.20
CA LYS A 86 -26.55 -9.15 -21.54
C LYS A 86 -25.74 -10.11 -22.42
N LEU A 87 -24.55 -10.43 -21.94
CA LEU A 87 -23.67 -11.41 -22.57
C LEU A 87 -23.90 -12.83 -22.07
N CYS A 88 -25.12 -13.15 -21.69
CA CYS A 88 -25.25 -14.21 -20.76
C CYS A 88 -26.69 -14.67 -20.63
N THR A 89 -27.03 -15.74 -21.33
CA THR A 89 -28.41 -16.20 -21.38
C THR A 89 -28.69 -17.30 -20.36
N PHE A 90 -27.70 -18.11 -20.05
CA PHE A 90 -27.89 -19.26 -19.20
C PHE A 90 -26.76 -19.43 -18.19
N SER A 91 -25.54 -19.12 -18.61
CA SER A 91 -24.33 -19.25 -17.82
C SER A 91 -24.52 -18.39 -16.58
N PHE A 92 -24.08 -18.82 -15.40
CA PHE A 92 -24.31 -17.99 -14.18
C PHE A 92 -23.40 -16.80 -14.17
N LEU A 93 -23.79 -15.74 -13.50
CA LEU A 93 -22.92 -14.56 -13.45
C LEU A 93 -23.31 -13.68 -12.31
N ILE A 94 -22.38 -13.45 -11.38
CA ILE A 94 -22.66 -12.60 -10.24
C ILE A 94 -21.71 -11.44 -10.21
N CYS A 95 -22.24 -10.25 -10.03
CA CYS A 95 -21.39 -9.08 -10.18
C CYS A 95 -21.53 -8.11 -9.00
N LYS A 96 -20.43 -7.72 -8.40
CA LYS A 96 -20.50 -6.94 -7.16
C LYS A 96 -19.38 -5.88 -7.00
N GLY A 97 -19.66 -4.87 -6.20
CA GLY A 97 -18.65 -3.87 -5.95
C GLY A 97 -17.66 -4.33 -4.92
N VAL A 98 -16.43 -3.94 -5.08
CA VAL A 98 -15.46 -4.32 -4.10
C VAL A 98 -15.26 -3.13 -3.16
N ASN A 99 -15.16 -3.39 -1.86
CA ASN A 99 -14.85 -2.33 -0.90
C ASN A 99 -13.36 -2.33 -0.56
N LYS A 100 -12.88 -3.46 -0.06
CA LYS A 100 -11.45 -3.69 0.18
C LYS A 100 -10.78 -4.19 -1.11
N GLU A 101 -10.19 -3.26 -1.85
CA GLU A 101 -9.55 -3.62 -3.10
C GLU A 101 -8.31 -4.44 -2.85
N TYR A 102 -7.31 -3.83 -2.22
CA TYR A 102 -6.04 -4.50 -2.17
C TYR A 102 -6.22 -5.85 -1.54
N LEU A 103 -7.17 -5.93 -0.61
CA LEU A 103 -7.41 -7.19 0.10
C LEU A 103 -8.06 -8.28 -0.72
N MET A 104 -8.99 -7.84 -1.58
CA MET A 104 -9.63 -8.73 -2.50
C MET A 104 -8.54 -9.20 -3.47
N TYR A 105 -8.04 -8.31 -4.30
CA TYR A 105 -7.04 -8.71 -5.30
C TYR A 105 -6.02 -9.69 -4.73
N SER A 106 -5.40 -9.31 -3.62
CA SER A 106 -4.38 -10.15 -3.09
C SER A 106 -4.91 -11.55 -2.79
N ALA A 107 -6.13 -11.67 -2.26
CA ALA A 107 -6.64 -13.02 -1.96
C ALA A 107 -6.89 -13.90 -3.21
N LEU A 108 -7.27 -13.28 -4.33
CA LEU A 108 -7.46 -13.98 -5.60
C LEU A 108 -6.15 -14.45 -6.21
N THR A 109 -5.03 -13.97 -5.67
CA THR A 109 -3.71 -14.39 -6.16
C THR A 109 -3.12 -15.50 -5.28
N ARG A 110 -3.36 -15.42 -3.99
CA ARG A 110 -3.06 -16.51 -3.08
C ARG A 110 -4.22 -17.50 -3.16
N ASP A 111 -3.87 -18.78 -3.10
CA ASP A 111 -4.86 -19.80 -3.40
C ASP A 111 -5.87 -20.01 -2.26
N PRO A 112 -7.00 -20.72 -2.55
CA PRO A 112 -7.37 -21.55 -3.72
C PRO A 112 -7.28 -20.86 -5.07
N PHE A 113 -7.16 -19.56 -5.02
CA PHE A 113 -7.34 -18.77 -6.20
C PHE A 113 -6.02 -18.51 -6.83
N SER A 114 -5.92 -18.77 -8.11
CA SER A 114 -4.73 -18.38 -8.80
C SER A 114 -5.08 -17.46 -9.94
N VAL A 115 -4.12 -16.68 -10.37
CA VAL A 115 -4.34 -15.74 -11.46
C VAL A 115 -4.39 -16.50 -12.76
N ILE A 116 -4.99 -15.89 -13.80
CA ILE A 116 -4.90 -16.40 -15.19
C ILE A 116 -4.40 -15.33 -16.17
N GLU A 117 -5.30 -14.45 -16.59
CA GLU A 117 -4.95 -13.26 -17.34
C GLU A 117 -4.92 -12.05 -16.38
N GLU A 118 -4.23 -10.99 -16.77
CA GLU A 118 -4.05 -9.83 -15.90
C GLU A 118 -3.50 -8.67 -16.74
N SER A 119 -4.07 -7.47 -16.56
CA SER A 119 -3.57 -6.24 -17.25
C SER A 119 -2.05 -5.93 -17.00
N LEU A 120 -1.71 -5.22 -15.92
CA LEU A 120 -0.31 -5.10 -15.48
C LEU A 120 0.17 -6.37 -14.77
N PRO A 121 1.42 -6.79 -15.00
CA PRO A 121 1.89 -7.84 -14.10
C PRO A 121 1.94 -7.31 -12.67
N GLY A 122 1.90 -8.23 -11.71
CA GLY A 122 1.94 -7.90 -10.29
C GLY A 122 0.62 -7.47 -9.72
N GLY A 123 -0.04 -6.54 -10.40
CA GLY A 123 -1.38 -6.07 -10.00
C GLY A 123 -1.37 -4.83 -9.14
N LEU A 124 -2.31 -4.74 -8.20
CA LEU A 124 -2.28 -3.70 -7.16
C LEU A 124 -0.99 -3.72 -6.34
N LYS A 125 -0.49 -4.95 -6.13
CA LYS A 125 0.69 -5.24 -5.33
C LYS A 125 1.88 -4.46 -5.86
N GLU A 126 1.78 -4.09 -7.13
CA GLU A 126 2.90 -3.47 -7.87
C GLU A 126 2.63 -2.05 -8.40
N HIS A 127 1.35 -1.66 -8.44
CA HIS A 127 0.98 -0.27 -8.78
C HIS A 127 -0.14 0.29 -7.90
N ASP A 128 -0.02 1.58 -7.56
CA ASP A 128 -1.03 2.30 -6.75
C ASP A 128 -1.87 3.17 -7.66
N PHE A 129 -3.10 2.71 -7.85
CA PHE A 129 -4.08 3.41 -8.67
C PHE A 129 -4.80 4.38 -7.75
N ASN A 130 -4.20 4.54 -6.56
CA ASN A 130 -4.21 5.74 -5.73
C ASN A 130 -5.35 6.71 -5.99
N ASP B 6 19.81 -7.54 1.84
CA ASP B 6 18.75 -6.73 2.53
C ASP B 6 18.87 -6.76 4.07
N PRO B 7 18.50 -5.65 4.77
CA PRO B 7 18.61 -5.56 6.23
C PRO B 7 17.33 -5.89 6.95
N LYS B 8 17.45 -6.54 8.10
CA LYS B 8 16.27 -6.80 8.90
C LYS B 8 15.80 -5.49 9.53
N ASP B 9 16.76 -4.69 9.99
CA ASP B 9 16.48 -3.56 10.86
C ASP B 9 17.65 -2.58 10.77
N PHE B 10 17.55 -1.48 11.52
CA PHE B 10 18.59 -0.45 11.61
C PHE B 10 19.77 -1.11 12.29
N PRO B 11 20.94 -1.04 11.64
CA PRO B 11 22.14 -1.81 12.02
C PRO B 11 22.43 -1.94 13.51
N SER B 12 22.99 -3.12 13.83
CA SER B 12 23.34 -3.56 15.18
C SER B 12 23.62 -2.45 16.20
N GLU B 13 24.58 -1.59 15.88
CA GLU B 13 25.12 -0.61 16.83
C GLU B 13 24.06 0.33 17.37
N LEU B 14 23.09 0.64 16.52
CA LEU B 14 22.19 1.77 16.76
C LEU B 14 21.07 1.55 17.74
N LEU B 15 20.74 0.30 17.94
CA LEU B 15 19.48 -0.03 18.53
C LEU B 15 19.22 0.64 19.86
N SER B 16 20.27 0.83 20.67
CA SER B 16 20.06 1.25 22.07
C SER B 16 19.36 2.60 22.21
N PHE B 17 19.14 3.28 21.09
CA PHE B 17 18.61 4.64 21.09
C PHE B 17 17.25 4.73 20.46
N LEU B 18 16.79 3.63 19.89
CA LEU B 18 15.46 3.55 19.28
C LEU B 18 14.47 2.83 20.20
N SER B 19 13.21 3.23 20.15
CA SER B 19 12.12 2.49 20.79
C SER B 19 11.82 1.26 19.96
N HIS B 20 11.72 0.11 20.62
CA HIS B 20 11.33 -1.17 20.03
C HIS B 20 10.08 -1.56 20.71
N ALA B 21 9.30 -0.56 21.06
CA ALA B 21 8.05 -0.79 21.73
C ALA B 21 7.13 -1.28 20.67
N VAL B 22 6.23 -2.18 21.07
CA VAL B 22 5.35 -2.78 20.12
C VAL B 22 3.90 -2.83 20.60
N PHE B 23 3.71 -2.49 21.87
CA PHE B 23 2.37 -2.37 22.40
C PHE B 23 2.00 -1.04 22.99
N SER B 24 2.67 0.05 22.58
CA SER B 24 2.49 1.28 23.29
C SER B 24 1.71 2.29 22.50
N ASN B 25 0.88 3.07 23.17
CA ASN B 25 0.22 4.23 22.51
C ASN B 25 0.93 5.54 22.78
N ARG B 26 1.98 5.46 23.58
CA ARG B 26 2.96 6.51 23.73
C ARG B 26 3.20 7.16 22.36
N THR B 27 2.95 8.45 22.24
CA THR B 27 3.34 9.13 21.03
C THR B 27 4.61 9.77 21.44
N LEU B 28 5.41 10.16 20.46
CA LEU B 28 6.61 10.91 20.73
C LEU B 28 7.02 11.67 19.49
N ALA B 29 8.14 12.41 19.55
CA ALA B 29 8.37 13.44 18.55
C ALA B 29 9.75 13.49 17.92
N CYS B 30 10.39 12.35 17.75
CA CYS B 30 11.65 12.26 17.02
C CYS B 30 11.79 10.87 16.46
N PHE B 31 12.03 10.73 15.15
CA PHE B 31 11.93 9.39 14.48
C PHE B 31 13.02 9.05 13.48
N ALA B 32 13.00 7.83 12.95
CA ALA B 32 13.91 7.42 11.86
C ALA B 32 13.32 6.52 10.74
N ILE B 33 14.10 6.28 9.68
CA ILE B 33 13.69 5.48 8.52
C ILE B 33 14.91 4.86 7.77
N TYR B 34 14.82 3.58 7.37
CA TYR B 34 15.85 2.93 6.51
C TYR B 34 15.27 2.80 5.09
N THR B 35 16.06 3.14 4.07
CA THR B 35 15.66 2.90 2.66
C THR B 35 16.81 2.94 1.65
N THR B 36 16.62 2.27 0.52
CA THR B 36 17.44 2.48 -0.66
C THR B 36 17.54 4.00 -0.90
N LYS B 37 18.74 4.47 -1.25
CA LYS B 37 18.97 5.84 -1.71
C LYS B 37 17.77 6.30 -2.52
N GLU B 38 17.55 5.59 -3.63
CA GLU B 38 16.42 5.78 -4.55
C GLU B 38 15.14 6.17 -3.80
N LYS B 39 14.63 5.27 -2.96
CA LYS B 39 13.39 5.51 -2.22
C LYS B 39 13.59 6.27 -0.89
N ALA B 40 14.69 7.01 -0.76
CA ALA B 40 15.03 7.66 0.52
C ALA B 40 15.04 9.18 0.51
N ALA B 41 15.83 9.78 -0.37
CA ALA B 41 15.88 11.24 -0.53
C ALA B 41 14.49 11.83 -0.69
N LEU B 42 13.59 11.00 -1.22
CA LEU B 42 12.21 11.36 -1.51
C LEU B 42 11.52 11.94 -0.27
N LEU B 43 11.47 11.15 0.80
CA LEU B 43 10.75 11.53 2.00
C LEU B 43 11.32 12.76 2.66
N TYR B 44 12.66 12.82 2.68
CA TYR B 44 13.42 13.95 3.19
C TYR B 44 12.67 15.25 2.89
N LYS B 45 12.15 15.37 1.67
CA LYS B 45 11.28 16.50 1.39
C LYS B 45 9.90 16.26 2.03
N LYS B 46 9.06 15.44 1.38
CA LYS B 46 7.62 15.38 1.73
C LYS B 46 7.29 15.31 3.21
N ILE B 47 8.21 14.82 4.03
CA ILE B 47 7.97 14.78 5.47
C ILE B 47 7.84 16.19 6.03
N MET B 48 8.76 17.05 5.61
CA MET B 48 8.78 18.45 6.00
C MET B 48 7.37 19.01 5.89
N GLU B 49 6.82 19.00 4.67
CA GLU B 49 5.51 19.61 4.38
C GLU B 49 4.30 18.87 4.98
N LYS B 50 4.51 17.65 5.43
CA LYS B 50 3.45 16.99 6.13
C LYS B 50 3.61 17.40 7.58
N TYR B 51 4.71 16.97 8.15
CA TYR B 51 4.84 16.92 9.57
C TYR B 51 5.41 18.14 10.27
N SER B 52 5.62 19.20 9.46
CA SER B 52 6.12 20.55 9.89
C SER B 52 7.46 20.53 10.64
N VAL B 53 8.37 19.67 10.21
CA VAL B 53 9.52 19.23 11.01
C VAL B 53 10.46 20.34 11.51
N THR B 54 11.13 20.13 12.65
CA THR B 54 12.12 21.11 13.15
C THR B 54 13.53 20.73 12.85
N PHE B 55 13.75 19.55 12.30
CA PHE B 55 15.03 19.17 11.78
C PHE B 55 14.95 17.85 11.06
N ILE B 56 15.88 17.65 10.15
CA ILE B 56 15.92 16.44 9.35
C ILE B 56 17.31 16.22 8.73
N SER B 57 17.74 14.97 8.67
CA SER B 57 19.09 14.60 8.21
C SER B 57 19.24 13.18 7.60
N ARG B 58 19.57 13.14 6.31
CA ARG B 58 19.93 11.90 5.62
C ARG B 58 21.33 11.42 6.00
N HIS B 59 21.67 10.18 5.62
CA HIS B 59 22.98 9.55 5.94
C HIS B 59 23.35 8.45 4.98
N ASN B 60 24.64 8.21 4.78
CA ASN B 60 25.02 6.99 4.07
C ASN B 60 25.23 5.80 4.99
N SER B 61 24.52 4.70 4.70
CA SER B 61 24.37 3.56 5.61
C SER B 61 24.49 2.19 4.92
N TYR B 62 25.73 1.79 4.65
CA TYR B 62 26.03 0.62 3.86
C TYR B 62 25.39 0.78 2.48
N ASN B 63 25.90 1.76 1.73
CA ASN B 63 25.42 2.08 0.39
C ASN B 63 23.88 2.16 0.32
N HIS B 64 23.28 2.30 1.50
CA HIS B 64 21.87 2.60 1.62
C HIS B 64 21.71 3.99 2.20
N ASN B 65 20.59 4.27 2.86
CA ASN B 65 20.21 5.65 3.20
C ASN B 65 19.23 5.83 4.40
N ILE B 66 19.77 6.17 5.58
CA ILE B 66 18.95 6.46 6.79
C ILE B 66 18.39 7.89 6.77
N LEU B 67 17.51 8.17 7.72
CA LEU B 67 16.81 9.44 7.77
C LEU B 67 16.43 9.75 9.22
N PHE B 68 16.68 10.99 9.64
CA PHE B 68 16.47 11.41 11.04
C PHE B 68 15.64 12.67 11.10
N PHE B 69 14.76 12.79 12.09
CA PHE B 69 13.98 14.03 12.24
C PHE B 69 13.21 14.19 13.54
N LEU B 70 13.09 15.45 13.97
CA LEU B 70 12.23 15.89 15.08
C LEU B 70 11.01 16.64 14.57
N THR B 71 9.89 16.50 15.30
CA THR B 71 8.59 17.15 14.97
C THR B 71 8.12 18.16 16.05
N PRO B 72 7.38 19.23 15.66
CA PRO B 72 6.83 20.14 16.68
C PRO B 72 5.74 19.51 17.57
N HIS B 73 4.72 18.90 16.98
CA HIS B 73 3.80 18.10 17.79
C HIS B 73 4.17 16.66 17.68
N ARG B 74 3.75 15.87 18.66
CA ARG B 74 4.27 14.52 18.82
C ARG B 74 3.34 13.45 18.24
N HIS B 75 3.91 12.30 17.89
CA HIS B 75 3.20 11.31 17.06
C HIS B 75 3.37 9.86 17.39
N ARG B 76 2.35 9.10 17.08
CA ARG B 76 2.49 7.68 17.02
C ARG B 76 3.49 7.23 15.95
N VAL B 77 4.49 6.46 16.39
CA VAL B 77 5.41 5.83 15.46
C VAL B 77 4.59 5.28 14.31
N SER B 78 3.60 4.45 14.67
CA SER B 78 2.68 3.82 13.71
C SER B 78 2.25 4.76 12.60
N ALA B 79 1.78 5.93 13.00
CA ALA B 79 1.16 6.90 12.09
C ALA B 79 2.13 7.43 11.07
N ILE B 80 3.35 7.66 11.53
CA ILE B 80 4.42 8.09 10.65
C ILE B 80 4.66 6.99 9.65
N ASN B 81 4.91 5.78 10.19
CA ASN B 81 5.24 4.60 9.40
C ASN B 81 4.18 4.38 8.35
N ASN B 82 2.94 4.73 8.64
CA ASN B 82 1.93 4.73 7.61
C ASN B 82 2.21 5.78 6.57
N TYR B 83 2.13 7.07 6.91
CA TYR B 83 2.39 8.11 5.91
C TYR B 83 3.61 7.78 5.03
N ALA B 84 4.59 7.03 5.55
CA ALA B 84 5.72 6.57 4.75
C ALA B 84 5.39 5.37 3.85
N GLN B 85 4.97 4.27 4.48
CA GLN B 85 4.67 3.04 3.74
C GLN B 85 3.75 3.32 2.56
N LYS B 86 2.87 4.31 2.78
CA LYS B 86 1.79 4.67 1.85
C LYS B 86 2.39 5.14 0.53
N LEU B 87 3.25 6.13 0.62
CA LEU B 87 3.87 6.72 -0.54
C LEU B 87 4.82 5.77 -1.25
N CYS B 88 5.38 4.77 -0.56
CA CYS B 88 6.29 3.86 -1.24
C CYS B 88 6.47 2.46 -0.69
N THR B 89 5.99 1.47 -1.45
CA THR B 89 6.22 0.07 -1.13
C THR B 89 6.72 -0.74 -2.35
N PHE B 90 7.36 -0.03 -3.26
CA PHE B 90 8.40 -0.68 -4.03
C PHE B 90 9.66 -0.70 -3.15
N SER B 91 10.50 -1.72 -3.29
CA SER B 91 11.72 -1.91 -2.48
C SER B 91 11.44 -2.29 -1.01
N PHE B 92 11.84 -1.43 -0.06
CA PHE B 92 11.49 -1.56 1.38
C PHE B 92 11.61 -0.23 2.09
N LEU B 93 11.31 -0.25 3.39
CA LEU B 93 11.25 0.95 4.25
C LEU B 93 11.01 0.55 5.73
N ILE B 94 12.03 0.61 6.58
CA ILE B 94 11.87 0.38 8.03
C ILE B 94 11.68 1.74 8.73
N CYS B 95 11.18 1.74 9.97
CA CYS B 95 10.95 3.00 10.73
C CYS B 95 10.60 2.79 12.21
N LYS B 96 11.43 3.32 13.10
CA LYS B 96 11.11 3.31 14.54
C LYS B 96 11.18 4.72 15.15
N GLY B 97 10.65 4.88 16.37
CA GLY B 97 10.79 6.14 17.13
C GLY B 97 12.09 6.14 17.94
N VAL B 98 12.58 7.31 18.29
CA VAL B 98 13.90 7.43 18.91
C VAL B 98 13.86 7.82 20.40
N ASN B 99 14.26 6.92 21.28
CA ASN B 99 14.27 7.26 22.70
C ASN B 99 15.42 8.21 23.05
N LYS B 100 16.58 8.00 22.44
CA LYS B 100 17.76 8.79 22.75
C LYS B 100 18.13 9.76 21.59
N GLU B 101 17.48 10.92 21.55
CA GLU B 101 17.59 11.84 20.41
C GLU B 101 19.05 12.04 20.08
N TYR B 102 19.77 12.61 21.05
CA TYR B 102 21.11 13.14 20.82
C TYR B 102 22.09 12.03 20.45
N LEU B 103 22.08 10.97 21.26
CA LEU B 103 23.06 9.91 21.11
C LEU B 103 22.94 9.20 19.79
N MET B 104 21.74 9.26 19.22
CA MET B 104 21.50 8.83 17.84
C MET B 104 22.25 9.73 16.84
N TYR B 105 21.76 10.96 16.68
CA TYR B 105 22.28 11.95 15.71
C TYR B 105 23.79 11.87 15.68
N SER B 106 24.34 11.77 16.88
CA SER B 106 25.76 11.68 17.12
C SER B 106 26.44 10.62 16.27
N ALA B 107 26.07 9.36 16.47
CA ALA B 107 26.76 8.25 15.80
C ALA B 107 26.37 8.17 14.34
N LEU B 108 25.30 8.88 14.00
CA LEU B 108 24.87 9.03 12.63
C LEU B 108 25.82 9.95 11.89
N THR B 109 25.98 11.17 12.38
CA THR B 109 26.85 12.16 11.74
C THR B 109 28.34 11.78 11.73
N ARG B 110 28.75 10.95 12.68
CA ARG B 110 30.10 10.40 12.65
C ARG B 110 30.11 8.97 12.09
N ASP B 111 31.29 8.35 12.05
CA ASP B 111 31.46 7.02 11.51
C ASP B 111 30.75 5.99 12.36
N PRO B 112 30.39 4.84 11.77
CA PRO B 112 30.61 4.44 10.37
C PRO B 112 29.67 5.09 9.35
N PHE B 113 29.05 6.19 9.72
CA PHE B 113 28.09 6.83 8.83
C PHE B 113 28.56 8.20 8.37
N SER B 114 27.72 8.83 7.56
CA SER B 114 28.02 10.11 6.98
C SER B 114 26.70 10.80 6.66
N VAL B 115 26.65 12.10 6.96
CA VAL B 115 25.55 12.97 6.55
C VAL B 115 25.60 13.12 5.04
N ILE B 116 24.43 13.11 4.41
CA ILE B 116 24.32 13.38 2.97
C ILE B 116 23.57 14.71 2.74
N GLU B 117 22.76 15.11 3.73
CA GLU B 117 22.09 16.43 3.77
C GLU B 117 21.30 16.67 5.05
N GLU B 118 21.13 17.93 5.46
CA GLU B 118 20.26 18.29 6.59
C GLU B 118 19.63 19.66 6.36
N SER B 119 18.53 19.94 7.05
CA SER B 119 17.79 21.20 6.88
C SER B 119 18.38 22.37 7.66
N LEU B 120 19.15 22.04 8.70
CA LEU B 120 19.94 23.01 9.46
C LEU B 120 21.41 22.93 9.05
N PRO B 121 21.88 23.88 8.24
CA PRO B 121 23.32 23.98 8.05
C PRO B 121 24.11 23.63 9.32
N GLY B 122 25.06 22.72 9.18
CA GLY B 122 25.90 22.33 10.30
C GLY B 122 25.14 21.52 11.33
N GLY B 123 23.82 21.63 11.29
CA GLY B 123 22.98 20.75 12.08
C GLY B 123 23.12 20.91 13.58
N LEU B 124 22.60 19.92 14.29
CA LEU B 124 22.39 20.05 15.72
C LEU B 124 23.56 19.58 16.55
N LYS B 125 23.96 20.41 17.51
CA LYS B 125 24.97 20.02 18.47
C LYS B 125 24.26 19.22 19.56
N GLU B 126 24.48 19.64 20.81
CA GLU B 126 23.85 19.01 21.95
C GLU B 126 22.79 19.95 22.48
N HIS B 127 23.27 21.08 23.01
CA HIS B 127 22.46 22.23 23.41
C HIS B 127 21.00 22.05 23.08
N ASP B 128 20.75 21.80 21.81
CA ASP B 128 19.47 22.02 21.16
C ASP B 128 18.36 21.00 21.53
N PHE B 129 18.62 20.24 22.57
CA PHE B 129 17.76 19.15 22.97
C PHE B 129 17.29 19.38 24.39
#